data_7CFA
#
_entry.id   7CFA
#
_cell.length_a   66.493
_cell.length_b   89.596
_cell.length_c   100.658
_cell.angle_alpha   90.000
_cell.angle_beta   90.000
_cell.angle_gamma   90.000
#
_symmetry.space_group_name_H-M   'P 2 21 21'
#
loop_
_entity.id
_entity.type
_entity.pdbx_description
1 polymer 'R.Pab1 family restriction endonuclease'
2 water water
#
_entity_poly.entity_id   1
_entity_poly.type   'polypeptide(L)'
_entity_poly.pdbx_seq_one_letter_code
;GPGMKFKIDYELPLTSVAGKIRIKQRSTFNDYGLPVAPTKININVKHYVEWQIGYDMVAGKNDGNFIGANGKDKKLYELS
DIIFQFFKHNIILKENLFGIKNFLENNEELIEDKMKINRTNFTQKQVAGINFLESYVSYPLLVYQFNNNEFLSEIIIKEK
QRAIGVQGMLYFCFPVHLLKNINGERNFLNRSIESKEKGYLEISRNNINIFLEMLKIFGILSNNHRYNVLQIIEFILNSK
;
_entity_poly.pdbx_strand_id   A,B
#
# COMPACT_ATOMS: atom_id res chain seq x y z
N GLY A 1 -14.06 2.58 -37.54
CA GLY A 1 -14.90 2.52 -38.72
C GLY A 1 -16.05 1.53 -38.58
N PRO A 2 -16.65 1.15 -39.69
CA PRO A 2 -17.75 0.17 -39.67
C PRO A 2 -17.25 -1.26 -39.81
N GLY A 3 -17.96 -2.15 -39.11
CA GLY A 3 -17.67 -3.58 -39.25
C GLY A 3 -16.30 -3.94 -38.72
N MET A 4 -15.52 -4.65 -39.54
CA MET A 4 -14.18 -5.07 -39.15
C MET A 4 -13.24 -3.90 -38.93
N LYS A 5 -13.56 -2.72 -39.47
CA LYS A 5 -12.75 -1.53 -39.26
C LYS A 5 -13.08 -0.82 -37.96
N PHE A 6 -13.94 -1.39 -37.11
CA PHE A 6 -14.33 -0.72 -35.88
C PHE A 6 -13.17 -0.68 -34.91
N LYS A 7 -12.96 0.48 -34.31
CA LYS A 7 -11.89 0.66 -33.33
C LYS A 7 -12.36 1.59 -32.22
N ILE A 8 -11.61 1.59 -31.13
CA ILE A 8 -11.86 2.48 -29.99
C ILE A 8 -10.54 3.13 -29.64
N ASP A 9 -10.47 4.45 -29.78
CA ASP A 9 -9.32 5.23 -29.33
C ASP A 9 -9.59 5.63 -27.88
N TYR A 10 -9.21 4.74 -26.95
CA TYR A 10 -9.56 4.92 -25.55
C TYR A 10 -8.73 6.04 -24.94
N GLU A 11 -9.40 7.09 -24.49
CA GLU A 11 -8.73 8.26 -23.91
C GLU A 11 -8.25 7.95 -22.50
N LEU A 12 -6.96 8.20 -22.24
CA LEU A 12 -6.35 7.93 -20.94
C LEU A 12 -5.69 9.20 -20.43
N PRO A 13 -6.10 9.73 -19.28
CA PRO A 13 -5.42 10.90 -18.71
C PRO A 13 -4.02 10.53 -18.26
N LEU A 14 -3.02 11.20 -18.83
CA LEU A 14 -1.62 10.90 -18.54
C LEU A 14 -1.12 11.66 -17.33
N THR A 15 -1.12 13.00 -17.41
CA THR A 15 -0.67 13.84 -16.31
C THR A 15 -1.75 13.88 -15.22
N SER A 16 -1.79 12.81 -14.42
CA SER A 16 -2.76 12.71 -13.35
C SER A 16 -2.22 11.77 -12.28
N VAL A 17 -2.32 12.19 -11.02
CA VAL A 17 -1.93 11.38 -9.88
C VAL A 17 -3.16 11.15 -9.01
N ALA A 18 -3.03 10.21 -8.08
CA ALA A 18 -4.14 9.80 -7.22
C ALA A 18 -5.34 9.37 -8.05
N GLY A 19 -5.07 8.54 -9.04
CA GLY A 19 -6.11 8.01 -9.90
C GLY A 19 -5.80 6.63 -10.42
N LYS A 20 -6.63 6.16 -11.35
CA LYS A 20 -6.51 4.82 -11.91
C LYS A 20 -5.37 4.71 -12.92
N ILE A 21 -4.90 5.82 -13.47
CA ILE A 21 -3.83 5.83 -14.46
C ILE A 21 -2.57 6.38 -13.81
N ARG A 22 -1.48 5.62 -13.90
CA ARG A 22 -0.19 6.06 -13.41
C ARG A 22 0.88 5.74 -14.44
N ILE A 23 1.93 6.55 -14.46
CA ILE A 23 3.06 6.37 -15.38
C ILE A 23 4.27 5.93 -14.57
N LYS A 24 4.90 4.84 -14.98
CA LYS A 24 6.06 4.29 -14.31
C LYS A 24 7.13 3.96 -15.33
N GLN A 25 8.33 3.65 -14.83
CA GLN A 25 9.47 3.30 -15.68
C GLN A 25 9.93 1.91 -15.31
N ARG A 26 9.94 1.01 -16.31
CA ARG A 26 10.31 -0.38 -16.08
C ARG A 26 11.82 -0.51 -15.99
N SER A 27 12.31 -1.02 -14.85
CA SER A 27 13.74 -1.18 -14.62
C SER A 27 14.22 -2.50 -15.22
N THR A 28 14.30 -2.50 -16.55
CA THR A 28 14.75 -3.65 -17.33
C THR A 28 14.00 -4.93 -16.95
N ASP A 31 10.77 -6.75 -16.02
CA ASP A 31 10.97 -7.12 -14.63
C ASP A 31 10.07 -6.28 -13.72
N TYR A 32 10.66 -5.34 -12.99
CA TYR A 32 9.93 -4.46 -12.09
C TYR A 32 9.97 -3.03 -12.61
N GLY A 33 9.05 -2.22 -12.09
CA GLY A 33 8.96 -0.83 -12.49
C GLY A 33 8.83 0.08 -11.29
N LEU A 34 9.25 1.33 -11.48
CA LEU A 34 9.21 2.35 -10.44
C LEU A 34 8.50 3.60 -10.99
N PRO A 35 7.72 4.27 -10.16
CA PRO A 35 6.93 5.41 -10.65
C PRO A 35 7.81 6.61 -10.98
N VAL A 36 7.30 7.45 -11.89
CA VAL A 36 7.98 8.66 -12.32
C VAL A 36 7.02 9.84 -12.14
N ALA A 37 7.58 11.05 -12.28
CA ALA A 37 6.79 12.26 -12.13
C ALA A 37 6.37 12.80 -13.50
N ILE A 41 10.75 16.02 -18.54
CA ILE A 41 10.73 14.58 -18.33
C ILE A 41 10.36 13.86 -19.63
N ASN A 42 11.37 13.53 -20.42
CA ASN A 42 11.14 12.88 -21.71
C ASN A 42 10.77 11.41 -21.53
N ILE A 43 9.85 10.94 -22.37
CA ILE A 43 9.39 9.56 -22.34
C ILE A 43 10.31 8.71 -23.20
N ASN A 44 10.75 7.58 -22.65
CA ASN A 44 11.57 6.61 -23.36
C ASN A 44 10.82 5.27 -23.44
N VAL A 45 11.52 4.25 -23.94
CA VAL A 45 10.88 2.95 -24.16
C VAL A 45 10.54 2.24 -22.86
N LYS A 46 11.14 2.65 -21.73
CA LYS A 46 10.88 2.01 -20.45
C LYS A 46 9.69 2.60 -19.72
N HIS A 47 9.12 3.71 -20.20
CA HIS A 47 7.96 4.30 -19.57
C HIS A 47 6.71 3.50 -19.94
N TYR A 48 5.97 3.08 -18.91
CA TYR A 48 4.76 2.29 -19.09
C TYR A 48 3.56 3.01 -18.49
N VAL A 49 2.39 2.70 -19.01
CA VAL A 49 1.13 3.14 -18.42
C VAL A 49 0.64 2.06 -17.48
N GLU A 50 0.28 2.44 -16.26
CA GLU A 50 -0.32 1.53 -15.29
C GLU A 50 -1.78 1.89 -15.13
N TRP A 51 -2.66 0.96 -15.48
CA TRP A 51 -4.11 1.20 -15.54
C TRP A 51 -4.82 0.19 -14.65
N GLN A 52 -5.28 0.63 -13.48
CA GLN A 52 -6.08 -0.21 -12.60
C GLN A 52 -7.50 -0.27 -13.17
N ILE A 53 -7.67 -1.16 -14.14
CA ILE A 53 -8.89 -1.19 -14.94
C ILE A 53 -9.95 -2.02 -14.25
N GLY A 54 -11.22 -1.61 -14.39
CA GLY A 54 -12.35 -2.35 -13.89
C GLY A 54 -13.18 -2.93 -15.02
N TYR A 55 -14.20 -3.68 -14.62
CA TYR A 55 -15.13 -4.28 -15.57
C TYR A 55 -16.59 -3.91 -15.31
N ASP A 56 -16.89 -3.20 -14.23
CA ASP A 56 -18.26 -2.75 -13.98
C ASP A 56 -18.23 -1.51 -13.09
N MET A 57 -19.42 -0.94 -12.90
CA MET A 57 -19.59 0.23 -12.05
C MET A 57 -20.99 0.18 -11.46
N VAL A 58 -21.11 0.61 -10.20
CA VAL A 58 -22.42 0.66 -9.56
C VAL A 58 -23.33 1.58 -10.34
N ALA A 59 -24.50 1.07 -10.72
CA ALA A 59 -25.45 1.79 -11.55
C ALA A 59 -26.63 2.27 -10.71
N GLY A 60 -27.35 3.23 -11.26
CA GLY A 60 -28.57 3.72 -10.65
C GLY A 60 -29.76 2.85 -10.98
N LYS A 61 -30.94 3.38 -10.69
CA LYS A 61 -32.18 2.64 -10.92
C LYS A 61 -32.58 2.59 -12.39
N ASN A 62 -31.90 3.34 -13.27
CA ASN A 62 -32.30 3.43 -14.66
C ASN A 62 -31.26 2.92 -15.65
N ASP A 63 -29.98 2.85 -15.26
CA ASP A 63 -28.91 2.49 -16.19
C ASP A 63 -28.21 1.20 -15.80
N GLY A 64 -28.93 0.31 -15.10
CA GLY A 64 -28.34 -0.95 -14.69
C GLY A 64 -28.37 -1.99 -15.80
N ASN A 65 -27.31 -2.81 -15.85
CA ASN A 65 -27.22 -3.90 -16.82
C ASN A 65 -27.34 -5.28 -16.19
N PHE A 66 -26.88 -5.45 -14.95
CA PHE A 66 -26.97 -6.73 -14.26
C PHE A 66 -26.88 -6.47 -12.76
N ILE A 67 -27.06 -7.54 -11.98
CA ILE A 67 -26.95 -7.49 -10.53
C ILE A 67 -25.75 -8.31 -10.11
N GLY A 68 -24.81 -7.66 -9.43
CA GLY A 68 -23.55 -8.30 -9.06
C GLY A 68 -23.69 -9.31 -7.95
N ALA A 69 -22.56 -9.91 -7.59
CA ALA A 69 -22.54 -10.91 -6.53
C ALA A 69 -22.87 -10.31 -5.17
N ASN A 70 -22.56 -9.02 -4.98
CA ASN A 70 -22.90 -8.31 -3.75
C ASN A 70 -24.36 -7.87 -3.71
N GLY A 71 -25.16 -8.20 -4.72
CA GLY A 71 -26.54 -7.80 -4.75
C GLY A 71 -26.79 -6.37 -5.16
N LYS A 72 -25.80 -5.69 -5.71
CA LYS A 72 -25.91 -4.30 -6.09
C LYS A 72 -26.20 -4.16 -7.59
N ASP A 73 -26.84 -3.04 -7.93
CA ASP A 73 -27.05 -2.71 -9.33
C ASP A 73 -25.72 -2.34 -9.98
N LYS A 74 -25.40 -3.00 -11.09
CA LYS A 74 -24.14 -2.81 -11.79
C LYS A 74 -24.40 -2.58 -13.27
N LYS A 75 -23.49 -1.85 -13.91
CA LYS A 75 -23.54 -1.65 -15.35
C LYS A 75 -22.14 -1.81 -15.93
N LEU A 76 -22.08 -1.97 -17.25
CA LEU A 76 -20.81 -2.17 -17.92
C LEU A 76 -19.92 -0.94 -17.80
N TYR A 77 -18.61 -1.17 -17.78
CA TYR A 77 -17.66 -0.11 -17.56
C TYR A 77 -16.28 -0.58 -17.99
N GLU A 78 -15.57 0.28 -18.72
CA GLU A 78 -14.19 0.03 -19.15
C GLU A 78 -14.06 -1.30 -19.88
N LEU A 79 -13.51 -2.31 -19.19
CA LEU A 79 -13.20 -3.57 -19.86
C LEU A 79 -14.44 -4.21 -20.47
N SER A 80 -15.53 -4.31 -19.70
CA SER A 80 -16.73 -4.96 -20.22
C SER A 80 -17.42 -4.10 -21.26
N ASP A 81 -17.33 -2.77 -21.14
CA ASP A 81 -17.88 -1.91 -22.18
C ASP A 81 -17.09 -2.03 -23.48
N ILE A 82 -15.78 -2.23 -23.38
CA ILE A 82 -14.96 -2.45 -24.58
C ILE A 82 -15.39 -3.74 -25.27
N ILE A 83 -15.54 -4.81 -24.47
CA ILE A 83 -15.93 -6.10 -25.04
C ILE A 83 -17.35 -6.03 -25.59
N PHE A 84 -18.23 -5.26 -24.96
CA PHE A 84 -19.60 -5.13 -25.45
C PHE A 84 -19.64 -4.48 -26.83
N GLN A 85 -18.87 -3.40 -27.00
CA GLN A 85 -18.90 -2.68 -28.28
C GLN A 85 -18.31 -3.52 -29.41
N PHE A 86 -17.24 -4.26 -29.13
CA PHE A 86 -16.65 -5.09 -30.18
C PHE A 86 -17.51 -6.32 -30.48
N PHE A 87 -18.29 -6.78 -29.49
CA PHE A 87 -19.29 -7.80 -29.78
C PHE A 87 -20.49 -7.19 -30.52
N LYS A 88 -20.83 -5.94 -30.21
CA LYS A 88 -21.93 -5.27 -30.90
C LYS A 88 -21.61 -5.06 -32.38
N HIS A 89 -20.35 -4.77 -32.69
CA HIS A 89 -19.91 -4.55 -34.06
C HIS A 89 -19.40 -5.81 -34.73
N ASN A 90 -19.74 -6.99 -34.19
CA ASN A 90 -19.51 -8.28 -34.83
C ASN A 90 -18.03 -8.58 -35.05
N ILE A 91 -17.16 -8.13 -34.16
CA ILE A 91 -15.75 -8.48 -34.22
C ILE A 91 -15.42 -9.66 -33.30
N ILE A 92 -16.01 -9.68 -32.11
CA ILE A 92 -15.83 -10.77 -31.17
C ILE A 92 -16.84 -11.87 -31.49
N LEU A 93 -16.34 -13.08 -31.70
CA LEU A 93 -17.19 -14.22 -31.99
C LEU A 93 -17.95 -14.65 -30.74
N LYS A 94 -19.17 -15.16 -30.96
CA LYS A 94 -19.95 -15.70 -29.84
C LYS A 94 -19.25 -16.90 -29.21
N GLU A 95 -18.55 -17.69 -30.02
CA GLU A 95 -17.81 -18.84 -29.51
C GLU A 95 -16.70 -18.43 -28.55
N ASN A 96 -16.14 -17.24 -28.75
CA ASN A 96 -15.12 -16.74 -27.82
C ASN A 96 -15.72 -16.51 -26.45
N LEU A 97 -16.88 -15.85 -26.39
CA LEU A 97 -17.53 -15.63 -25.10
C LEU A 97 -18.02 -16.93 -24.49
N PHE A 98 -18.51 -17.85 -25.31
CA PHE A 98 -18.95 -19.15 -24.78
C PHE A 98 -17.78 -19.94 -24.23
N GLY A 99 -16.62 -19.88 -24.88
CA GLY A 99 -15.45 -20.56 -24.36
C GLY A 99 -15.01 -20.03 -23.02
N ILE A 100 -15.08 -18.71 -22.83
CA ILE A 100 -14.77 -18.13 -21.52
C ILE A 100 -15.85 -18.52 -20.51
N LYS A 101 -17.10 -18.57 -20.94
CA LYS A 101 -18.19 -18.94 -20.04
C LYS A 101 -18.01 -20.37 -19.53
N ASN A 102 -17.77 -21.32 -20.44
CA ASN A 102 -17.58 -22.71 -20.03
C ASN A 102 -16.32 -22.87 -19.18
N PHE A 103 -15.29 -22.08 -19.46
CA PHE A 103 -14.07 -22.16 -18.66
C PHE A 103 -14.31 -21.70 -17.24
N LEU A 104 -15.05 -20.60 -17.07
CA LEU A 104 -15.30 -20.09 -15.72
C LEU A 104 -16.29 -20.97 -14.97
N GLU A 105 -17.18 -21.66 -15.68
CA GLU A 105 -18.14 -22.55 -15.01
C GLU A 105 -17.45 -23.79 -14.48
N ASN A 106 -16.47 -24.32 -15.21
CA ASN A 106 -15.78 -25.54 -14.81
C ASN A 106 -14.57 -25.28 -13.92
N ASN A 107 -14.09 -24.04 -13.83
CA ASN A 107 -12.88 -23.76 -13.07
C ASN A 107 -13.14 -23.88 -11.58
N GLU A 108 -12.15 -24.43 -10.86
CA GLU A 108 -12.20 -24.52 -9.42
C GLU A 108 -11.08 -23.75 -8.71
N GLU A 109 -9.98 -23.44 -9.40
CA GLU A 109 -8.85 -22.75 -8.78
C GLU A 109 -9.07 -21.25 -8.88
N LEU A 110 -9.20 -20.60 -7.74
CA LEU A 110 -9.33 -19.15 -7.65
C LEU A 110 -8.07 -18.52 -7.11
N ILE A 111 -7.75 -17.33 -7.63
CA ILE A 111 -6.49 -16.67 -7.28
C ILE A 111 -6.46 -16.32 -5.80
N GLU A 112 -7.56 -15.75 -5.28
CA GLU A 112 -7.58 -15.36 -3.87
C GLU A 112 -7.58 -16.56 -2.93
N ASP A 113 -7.81 -17.77 -3.43
CA ASP A 113 -7.68 -18.97 -2.62
C ASP A 113 -6.30 -19.62 -2.72
N LYS A 114 -5.61 -19.43 -3.84
CA LYS A 114 -4.29 -20.03 -4.06
C LYS A 114 -3.15 -19.10 -3.70
N MET A 115 -3.34 -17.78 -3.78
CA MET A 115 -2.27 -16.84 -3.46
C MET A 115 -2.26 -16.58 -1.97
N LYS A 116 -1.07 -16.68 -1.37
CA LYS A 116 -0.91 -16.58 0.07
C LYS A 116 0.05 -15.46 0.42
N ILE A 117 -0.33 -14.67 1.42
CA ILE A 117 0.57 -13.71 2.03
C ILE A 117 1.29 -14.42 3.18
N ASN A 118 2.62 -14.35 3.18
CA ASN A 118 3.45 -15.10 4.10
C ASN A 118 4.04 -14.18 5.16
N ARG A 119 4.11 -14.68 6.40
CA ARG A 119 4.88 -14.06 7.46
C ARG A 119 6.00 -15.02 7.83
N THR A 120 7.23 -14.52 7.83
CA THR A 120 8.36 -15.40 8.09
C THR A 120 8.63 -15.51 9.59
N ASN A 121 9.47 -16.48 9.94
CA ASN A 121 9.97 -16.60 11.29
C ASN A 121 10.77 -15.36 11.68
N PHE A 122 11.00 -15.22 12.98
CA PHE A 122 11.82 -14.13 13.49
C PHE A 122 13.29 -14.47 13.43
N THR A 123 14.11 -13.43 13.30
CA THR A 123 15.56 -13.54 13.48
C THR A 123 16.01 -12.38 14.35
N GLN A 124 17.10 -12.59 15.09
CA GLN A 124 17.67 -11.53 15.92
C GLN A 124 18.46 -10.58 15.03
N LYS A 125 18.14 -9.29 15.12
CA LYS A 125 18.79 -8.26 14.31
C LYS A 125 19.17 -7.09 15.20
N GLN A 126 20.43 -6.67 15.07
CA GLN A 126 20.97 -5.56 15.85
C GLN A 126 21.24 -4.38 14.92
N VAL A 127 20.62 -3.24 15.24
CA VAL A 127 20.84 -1.99 14.51
C VAL A 127 21.31 -0.95 15.51
N ALA A 128 22.45 -0.34 15.23
CA ALA A 128 23.05 0.68 16.10
C ALA A 128 23.27 0.16 17.52
N GLY A 129 23.51 -1.14 17.65
CA GLY A 129 23.68 -1.75 18.95
C GLY A 129 22.38 -2.11 19.65
N ILE A 130 21.24 -1.78 19.07
CA ILE A 130 19.93 -2.06 19.67
C ILE A 130 19.38 -3.36 19.07
N ASN A 131 18.98 -4.28 19.94
CA ASN A 131 18.52 -5.60 19.53
C ASN A 131 17.04 -5.56 19.16
N PHE A 132 16.72 -6.05 17.97
CA PHE A 132 15.35 -6.18 17.49
C PHE A 132 15.07 -7.62 17.10
N LEU A 133 13.78 -7.91 16.94
CA LEU A 133 13.33 -9.13 16.27
C LEU A 133 12.86 -8.75 14.88
N GLU A 134 13.42 -9.39 13.87
CA GLU A 134 13.11 -9.07 12.49
C GLU A 134 12.28 -10.19 11.86
N SER A 135 11.27 -9.79 11.10
CA SER A 135 10.42 -10.69 10.35
C SER A 135 10.08 -10.04 9.02
N TYR A 136 9.54 -10.83 8.10
CA TYR A 136 9.16 -10.34 6.79
C TYR A 136 7.71 -10.71 6.50
N VAL A 137 7.01 -9.79 5.85
CA VAL A 137 5.68 -10.04 5.31
C VAL A 137 5.83 -10.05 3.79
N SER A 138 5.56 -11.20 3.17
CA SER A 138 5.80 -11.39 1.75
C SER A 138 4.48 -11.39 1.00
N TYR A 139 4.37 -10.50 0.00
CA TYR A 139 3.18 -10.36 -0.81
C TYR A 139 3.45 -10.89 -2.20
N PRO A 140 2.64 -11.83 -2.69
CA PRO A 140 2.83 -12.33 -4.05
C PRO A 140 2.25 -11.38 -5.07
N LEU A 141 2.81 -11.44 -6.27
CA LEU A 141 2.23 -10.76 -7.41
C LEU A 141 2.29 -11.69 -8.61
N LEU A 142 1.22 -11.70 -9.40
CA LEU A 142 1.13 -12.52 -10.60
C LEU A 142 1.20 -11.60 -11.81
N VAL A 143 2.02 -11.99 -12.78
CA VAL A 143 2.16 -11.26 -14.04
C VAL A 143 1.72 -12.17 -15.16
N TYR A 144 0.80 -11.69 -16.00
CA TYR A 144 0.37 -12.40 -17.19
C TYR A 144 0.88 -11.66 -18.42
N GLN A 145 1.66 -12.34 -19.25
CA GLN A 145 2.18 -11.77 -20.48
C GLN A 145 1.26 -12.16 -21.63
N PHE A 146 0.56 -11.18 -22.19
CA PHE A 146 -0.29 -11.44 -23.33
C PHE A 146 0.57 -11.80 -24.54
N ASN A 147 -0.09 -12.40 -25.55
CA ASN A 147 0.63 -12.80 -26.75
C ASN A 147 1.31 -11.61 -27.41
N ASN A 148 0.72 -10.43 -27.32
CA ASN A 148 1.40 -9.20 -27.72
C ASN A 148 2.39 -8.83 -26.62
N ASN A 149 3.69 -8.93 -26.91
CA ASN A 149 4.72 -8.73 -25.90
C ASN A 149 4.75 -7.32 -25.34
N GLU A 150 3.95 -6.40 -25.89
CA GLU A 150 3.90 -5.04 -25.35
C GLU A 150 2.95 -4.92 -24.15
N PHE A 151 1.93 -5.77 -24.10
CA PHE A 151 0.89 -5.69 -23.07
C PHE A 151 1.10 -6.74 -21.99
N LEU A 152 0.84 -6.36 -20.75
CA LEU A 152 0.87 -7.29 -19.63
C LEU A 152 -0.13 -6.81 -18.58
N SER A 153 -0.54 -7.73 -17.73
CA SER A 153 -1.35 -7.40 -16.56
C SER A 153 -0.69 -7.99 -15.33
N GLU A 154 -0.73 -7.24 -14.23
CA GLU A 154 -0.17 -7.69 -12.97
C GLU A 154 -1.21 -7.62 -11.87
N ILE A 155 -1.27 -8.67 -11.06
CA ILE A 155 -2.23 -8.79 -9.98
C ILE A 155 -1.48 -8.67 -8.66
N ILE A 156 -1.77 -7.62 -7.91
CA ILE A 156 -1.17 -7.40 -6.59
C ILE A 156 -2.08 -8.01 -5.54
N ILE A 157 -1.51 -8.82 -4.66
CA ILE A 157 -2.26 -9.52 -3.62
C ILE A 157 -2.02 -8.78 -2.30
N LYS A 158 -3.10 -8.30 -1.69
CA LYS A 158 -3.05 -7.63 -0.40
C LYS A 158 -4.09 -8.25 0.54
N GLU A 159 -4.02 -7.85 1.81
CA GLU A 159 -4.96 -8.37 2.79
C GLU A 159 -6.35 -7.78 2.57
N LYS A 160 -7.37 -8.59 2.83
CA LYS A 160 -8.74 -8.09 2.80
C LYS A 160 -8.96 -7.12 3.96
N GLN A 161 -9.51 -5.95 3.67
CA GLN A 161 -9.76 -4.96 4.70
C GLN A 161 -10.99 -5.36 5.50
N ARG A 162 -10.80 -5.49 6.82
CA ARG A 162 -11.90 -5.85 7.74
C ARG A 162 -12.49 -7.22 7.38
N ALA A 163 -11.65 -8.14 6.91
CA ALA A 163 -12.11 -9.46 6.50
C ALA A 163 -10.96 -10.43 6.57
N ILE A 164 -11.29 -11.70 6.37
CA ILE A 164 -10.33 -12.81 6.36
C ILE A 164 -10.02 -13.17 4.92
N GLY A 165 -8.74 -13.34 4.61
CA GLY A 165 -8.31 -13.72 3.29
C GLY A 165 -7.50 -12.64 2.62
N VAL A 166 -7.33 -12.80 1.31
CA VAL A 166 -6.55 -11.87 0.50
C VAL A 166 -7.39 -11.39 -0.67
N GLN A 167 -6.99 -10.26 -1.25
CA GLN A 167 -7.66 -9.67 -2.39
C GLN A 167 -6.65 -9.34 -3.47
N GLY A 168 -7.08 -9.43 -4.71
CA GLY A 168 -6.24 -9.14 -5.86
C GLY A 168 -6.69 -7.86 -6.55
N MET A 169 -5.70 -7.03 -6.89
CA MET A 169 -5.91 -5.82 -7.67
C MET A 169 -5.21 -5.99 -9.01
N LEU A 170 -5.97 -5.90 -10.09
CA LEU A 170 -5.43 -6.11 -11.43
C LEU A 170 -5.03 -4.77 -12.04
N TYR A 171 -3.84 -4.73 -12.60
CA TYR A 171 -3.33 -3.54 -13.29
C TYR A 171 -3.01 -3.90 -14.73
N PHE A 172 -3.45 -3.05 -15.66
CA PHE A 172 -3.21 -3.25 -17.08
C PHE A 172 -2.09 -2.31 -17.51
N CYS A 173 -1.03 -2.89 -18.08
CA CYS A 173 0.19 -2.14 -18.36
C CYS A 173 0.61 -2.29 -19.81
N PHE A 174 1.18 -1.22 -20.36
CA PHE A 174 1.67 -1.17 -21.72
C PHE A 174 2.54 0.08 -21.89
N PRO A 175 3.46 0.08 -22.85
CA PRO A 175 4.37 1.23 -23.01
C PRO A 175 3.62 2.49 -23.41
N VAL A 176 4.16 3.62 -22.96
CA VAL A 176 3.56 4.92 -23.28
C VAL A 176 3.69 5.23 -24.78
N HIS A 177 4.76 4.76 -25.42
CA HIS A 177 4.94 5.08 -26.84
C HIS A 177 3.93 4.36 -27.73
N LEU A 178 3.11 3.45 -27.18
CA LEU A 178 2.02 2.87 -27.96
C LEU A 178 0.84 3.81 -28.11
N LEU A 179 0.76 4.86 -27.28
CA LEU A 179 -0.38 5.75 -27.29
C LEU A 179 -0.27 6.76 -28.42
N LYS A 180 -1.43 7.15 -28.95
CA LYS A 180 -1.52 8.22 -29.93
C LYS A 180 -1.92 9.52 -29.23
N ASN A 181 -1.45 10.63 -29.77
CA ASN A 181 -1.82 11.94 -29.25
C ASN A 181 -3.20 12.32 -29.79
N ILE A 182 -3.60 13.58 -29.61
CA ILE A 182 -4.91 14.02 -30.10
C ILE A 182 -4.96 14.03 -31.62
N ASN A 183 -3.81 14.14 -32.28
CA ASN A 183 -3.75 14.11 -33.73
C ASN A 183 -3.58 12.71 -34.30
N GLY A 184 -3.68 11.68 -33.46
CA GLY A 184 -3.49 10.32 -33.92
C GLY A 184 -2.06 9.95 -34.21
N GLU A 185 -1.10 10.66 -33.62
CA GLU A 185 0.33 10.42 -33.84
C GLU A 185 0.93 9.73 -32.63
N ARG A 186 1.71 8.69 -32.87
CA ARG A 186 2.47 8.02 -31.82
C ARG A 186 3.85 8.67 -31.68
N ASN A 187 3.84 9.90 -31.15
CA ASN A 187 5.03 10.71 -31.02
C ASN A 187 5.44 10.92 -29.56
N PHE A 188 5.01 10.04 -28.66
CA PHE A 188 5.37 10.21 -27.25
C PHE A 188 6.82 9.84 -26.99
N LEU A 189 7.39 8.96 -27.81
CA LEU A 189 8.77 8.52 -27.60
C LEU A 189 9.72 9.70 -27.82
N ASN A 190 10.67 9.85 -26.90
CA ASN A 190 11.64 10.95 -26.92
C ASN A 190 10.94 12.30 -26.86
N ARG A 191 9.95 12.41 -25.97
CA ARG A 191 9.19 13.64 -25.82
C ARG A 191 8.54 13.66 -24.45
N SER A 192 8.50 14.84 -23.84
CA SER A 192 7.84 15.00 -22.55
C SER A 192 6.33 15.14 -22.72
N ILE A 193 5.59 14.72 -21.71
CA ILE A 193 4.14 14.77 -21.74
C ILE A 193 3.68 16.17 -21.36
N GLU A 194 2.86 16.78 -22.21
CA GLU A 194 2.35 18.12 -21.93
C GLU A 194 1.31 18.07 -20.82
N SER A 195 1.01 19.24 -20.26
CA SER A 195 0.04 19.34 -19.17
C SER A 195 -1.35 18.98 -19.68
N LYS A 196 -2.04 18.12 -18.92
CA LYS A 196 -3.41 17.70 -19.21
C LYS A 196 -3.49 16.90 -20.51
N GLU A 197 -2.35 16.45 -21.03
CA GLU A 197 -2.34 15.72 -22.29
C GLU A 197 -2.96 14.35 -22.12
N LYS A 198 -3.72 13.94 -23.13
CA LYS A 198 -4.40 12.64 -23.13
C LYS A 198 -3.68 11.69 -24.06
N GLY A 199 -3.59 10.43 -23.63
CA GLY A 199 -3.10 9.36 -24.48
C GLY A 199 -4.27 8.52 -24.97
N TYR A 200 -4.13 7.99 -26.18
CA TYR A 200 -5.20 7.24 -26.82
C TYR A 200 -4.70 5.84 -27.19
N LEU A 201 -5.21 4.84 -26.49
CA LEU A 201 -4.90 3.44 -26.77
C LEU A 201 -5.83 2.95 -27.86
N GLU A 202 -5.27 2.58 -29.00
CA GLU A 202 -6.05 2.10 -30.14
C GLU A 202 -6.43 0.64 -29.90
N ILE A 203 -7.73 0.38 -29.79
CA ILE A 203 -8.25 -0.97 -29.63
C ILE A 203 -8.99 -1.34 -30.91
N SER A 204 -8.61 -2.47 -31.50
CA SER A 204 -9.21 -2.90 -32.76
C SER A 204 -9.19 -4.42 -32.82
N ARG A 205 -9.55 -4.96 -33.98
CA ARG A 205 -9.55 -6.40 -34.19
C ARG A 205 -8.17 -7.01 -33.97
N ASN A 206 -7.11 -6.22 -34.12
CA ASN A 206 -5.75 -6.75 -33.99
C ASN A 206 -5.33 -6.98 -32.54
N ASN A 207 -6.05 -6.42 -31.57
CA ASN A 207 -5.66 -6.58 -30.17
C ASN A 207 -6.85 -6.77 -29.24
N ILE A 208 -8.04 -7.06 -29.78
CA ILE A 208 -9.22 -7.19 -28.92
C ILE A 208 -9.11 -8.42 -28.02
N ASN A 209 -8.44 -9.48 -28.49
CA ASN A 209 -8.34 -10.70 -27.69
C ASN A 209 -7.54 -10.49 -26.41
N ILE A 210 -6.71 -9.44 -26.35
CA ILE A 210 -6.07 -9.09 -25.09
C ILE A 210 -7.11 -8.77 -24.03
N PHE A 211 -8.15 -8.01 -24.40
CA PHE A 211 -9.19 -7.67 -23.45
C PHE A 211 -10.08 -8.87 -23.12
N LEU A 212 -10.24 -9.80 -24.08
CA LEU A 212 -10.97 -11.03 -23.78
C LEU A 212 -10.22 -11.90 -22.80
N GLU A 213 -8.89 -12.04 -22.97
CA GLU A 213 -8.11 -12.79 -22.00
C GLU A 213 -8.09 -12.12 -20.64
N MET A 214 -8.19 -10.79 -20.61
CA MET A 214 -8.22 -10.08 -19.33
C MET A 214 -9.54 -10.32 -18.62
N LEU A 215 -10.64 -10.39 -19.36
CA LEU A 215 -11.92 -10.74 -18.76
C LEU A 215 -11.87 -12.13 -18.14
N LYS A 216 -11.22 -13.08 -18.83
CA LYS A 216 -11.09 -14.43 -18.29
C LYS A 216 -10.27 -14.44 -17.01
N ILE A 217 -9.24 -13.59 -16.94
CA ILE A 217 -8.40 -13.54 -15.73
C ILE A 217 -9.18 -12.97 -14.55
N PHE A 218 -9.98 -11.93 -14.79
CA PHE A 218 -10.87 -11.45 -13.74
C PHE A 218 -11.77 -12.56 -13.24
N GLY A 219 -12.25 -13.42 -14.14
CA GLY A 219 -13.20 -14.46 -13.78
C GLY A 219 -12.65 -15.51 -12.83
N ILE A 220 -11.33 -15.62 -12.72
CA ILE A 220 -10.72 -16.58 -11.81
C ILE A 220 -10.14 -15.91 -10.57
N LEU A 221 -10.40 -14.61 -10.39
CA LEU A 221 -9.84 -13.91 -9.24
C LEU A 221 -10.50 -14.37 -7.94
N SER A 222 -11.82 -14.44 -7.93
CA SER A 222 -12.57 -14.89 -6.76
C SER A 222 -13.93 -15.39 -7.23
N ASN A 223 -14.71 -15.91 -6.28
CA ASN A 223 -16.06 -16.36 -6.61
C ASN A 223 -16.95 -15.17 -6.96
N ASN A 224 -16.81 -14.05 -6.25
CA ASN A 224 -17.59 -12.87 -6.58
C ASN A 224 -17.23 -12.34 -7.97
N HIS A 225 -15.93 -12.28 -8.28
CA HIS A 225 -15.52 -11.88 -9.62
C HIS A 225 -15.98 -12.88 -10.66
N ARG A 226 -15.93 -14.18 -10.36
CA ARG A 226 -16.46 -15.18 -11.27
C ARG A 226 -17.93 -14.93 -11.58
N TYR A 227 -18.73 -14.68 -10.54
CA TYR A 227 -20.15 -14.44 -10.72
C TYR A 227 -20.40 -13.19 -11.57
N ASN A 228 -19.67 -12.10 -11.30
CA ASN A 228 -19.90 -10.87 -12.03
C ASN A 228 -19.54 -11.02 -13.51
N VAL A 229 -18.39 -11.64 -13.80
CA VAL A 229 -17.99 -11.84 -15.19
C VAL A 229 -19.01 -12.71 -15.91
N LEU A 230 -19.51 -13.76 -15.25
CA LEU A 230 -20.52 -14.61 -15.87
C LEU A 230 -21.81 -13.85 -16.14
N GLN A 231 -22.18 -12.92 -15.24
CA GLN A 231 -23.35 -12.07 -15.51
C GLN A 231 -23.09 -11.15 -16.70
N ILE A 232 -21.86 -10.66 -16.84
CA ILE A 232 -21.52 -9.77 -17.94
C ILE A 232 -21.54 -10.52 -19.27
N ILE A 233 -20.97 -11.73 -19.30
CA ILE A 233 -20.97 -12.52 -20.52
C ILE A 233 -22.38 -12.86 -20.96
N GLU A 234 -23.25 -13.23 -20.01
CA GLU A 234 -24.63 -13.56 -20.34
C GLU A 234 -25.37 -12.35 -20.87
N PHE A 235 -25.10 -11.16 -20.30
CA PHE A 235 -25.75 -9.95 -20.78
C PHE A 235 -25.29 -9.57 -22.17
N ILE A 236 -24.00 -9.73 -22.45
CA ILE A 236 -23.48 -9.39 -23.77
C ILE A 236 -23.97 -10.39 -24.82
N LEU A 237 -23.96 -11.69 -24.49
CA LEU A 237 -24.42 -12.70 -25.43
C LEU A 237 -25.88 -12.49 -25.82
N ASN A 238 -26.71 -12.04 -24.86
CA ASN A 238 -28.13 -11.83 -25.10
C ASN A 238 -28.43 -10.42 -25.60
N SER A 239 -27.48 -9.77 -26.27
CA SER A 239 -27.69 -8.42 -26.78
C SER A 239 -27.78 -8.42 -28.30
N GLY B 1 2.61 15.16 42.19
CA GLY B 1 3.73 15.41 43.08
C GLY B 1 4.96 15.93 42.36
N PRO B 2 5.84 16.62 43.08
CA PRO B 2 7.06 17.15 42.47
C PRO B 2 8.20 16.14 42.47
N GLY B 3 9.17 16.41 41.60
CA GLY B 3 10.38 15.60 41.57
C GLY B 3 10.09 14.17 41.18
N MET B 4 10.60 13.24 41.98
CA MET B 4 10.42 11.82 41.70
C MET B 4 8.98 11.36 41.77
N LYS B 5 8.09 12.17 42.37
CA LYS B 5 6.68 11.82 42.42
C LYS B 5 5.92 12.26 41.17
N PHE B 6 6.58 12.88 40.21
CA PHE B 6 5.87 13.45 39.07
C PHE B 6 5.31 12.35 38.17
N LYS B 7 4.05 12.51 37.79
CA LYS B 7 3.38 11.56 36.92
C LYS B 7 2.66 12.31 35.80
N ILE B 8 2.33 11.57 34.75
CA ILE B 8 1.56 12.08 33.62
C ILE B 8 0.50 11.05 33.28
N ASP B 9 -0.77 11.45 33.37
CA ASP B 9 -1.88 10.60 32.94
C ASP B 9 -2.21 11.02 31.51
N TYR B 10 -1.57 10.37 30.54
CA TYR B 10 -1.69 10.78 29.16
C TYR B 10 -3.05 10.39 28.61
N GLU B 11 -3.84 11.39 28.21
CA GLU B 11 -5.15 11.14 27.66
C GLU B 11 -5.05 10.53 26.28
N LEU B 12 -5.71 9.38 26.09
CA LEU B 12 -5.70 8.67 24.81
C LEU B 12 -7.12 8.44 24.35
N PRO B 13 -7.59 9.15 23.32
CA PRO B 13 -8.95 8.91 22.82
C PRO B 13 -9.08 7.50 22.27
N LEU B 14 -10.25 6.90 22.50
CA LEU B 14 -10.49 5.52 22.08
C LEU B 14 -11.64 5.42 21.09
N LYS B 20 -4.53 8.56 15.16
CA LYS B 20 -3.31 7.79 15.32
C LYS B 20 -3.49 6.68 16.35
N ILE B 21 -4.63 6.68 17.04
CA ILE B 21 -4.94 5.66 18.04
C ILE B 21 -5.89 4.65 17.40
N ARG B 22 -5.48 3.38 17.40
CA ARG B 22 -6.30 2.29 16.89
C ARG B 22 -6.35 1.18 17.93
N ILE B 23 -7.51 0.56 18.06
CA ILE B 23 -7.72 -0.54 19.01
C ILE B 23 -7.84 -1.83 18.20
N LYS B 24 -6.91 -2.75 18.40
CA LYS B 24 -6.87 -4.02 17.71
C LYS B 24 -6.72 -5.14 18.74
N GLN B 25 -6.79 -6.38 18.26
CA GLN B 25 -6.59 -7.54 19.12
C GLN B 25 -5.85 -8.63 18.34
N ARG B 26 -5.06 -9.40 19.07
CA ARG B 26 -4.28 -10.48 18.48
C ARG B 26 -5.19 -11.65 18.08
N VAL B 45 -8.55 -9.75 26.89
CA VAL B 45 -7.22 -9.36 27.30
C VAL B 45 -6.26 -9.33 26.12
N LYS B 46 -6.72 -9.85 24.98
CA LYS B 46 -5.94 -9.83 23.75
C LYS B 46 -6.01 -8.50 23.03
N HIS B 47 -6.80 -7.55 23.53
CA HIS B 47 -6.97 -6.26 22.89
C HIS B 47 -5.89 -5.30 23.38
N TYR B 48 -5.33 -4.53 22.45
CA TYR B 48 -4.22 -3.64 22.77
C TYR B 48 -4.42 -2.30 22.07
N VAL B 49 -3.66 -1.29 22.51
CA VAL B 49 -3.70 0.04 21.94
C VAL B 49 -2.59 0.17 20.91
N GLU B 50 -2.94 0.58 19.70
CA GLU B 50 -1.98 0.81 18.63
C GLU B 50 -1.79 2.32 18.50
N TRP B 51 -0.68 2.82 19.01
CA TRP B 51 -0.41 4.26 19.07
C TRP B 51 0.70 4.59 18.08
N GLN B 52 0.32 5.16 16.94
CA GLN B 52 1.29 5.70 16.00
C GLN B 52 1.85 7.00 16.57
N ILE B 53 2.66 6.89 17.60
CA ILE B 53 3.10 8.02 18.40
C ILE B 53 4.15 8.82 17.63
N GLY B 54 4.04 10.15 17.72
CA GLY B 54 5.01 11.04 17.14
C GLY B 54 5.84 11.76 18.21
N TYR B 55 6.69 12.67 17.74
CA TYR B 55 7.55 13.43 18.62
C TYR B 55 7.53 14.92 18.36
N ASP B 56 6.88 15.40 17.30
CA ASP B 56 6.85 16.83 17.01
C ASP B 56 5.51 17.17 16.38
N MET B 57 5.32 18.47 16.14
CA MET B 57 4.10 18.97 15.51
C MET B 57 4.39 20.36 14.97
N VAL B 58 3.74 20.69 13.85
CA VAL B 58 3.95 21.98 13.21
C VAL B 58 3.42 23.11 14.09
N GLY B 64 6.67 27.51 18.08
CA GLY B 64 7.74 26.71 17.52
C GLY B 64 8.93 26.56 18.46
N ASN B 65 9.50 25.36 18.49
CA ASN B 65 10.65 25.07 19.35
C ASN B 65 11.93 24.78 18.58
N PHE B 66 11.84 24.27 17.35
CA PHE B 66 13.01 23.98 16.55
C PHE B 66 12.63 23.96 15.08
N ILE B 67 13.64 23.86 14.23
CA ILE B 67 13.46 23.76 12.78
C ILE B 67 13.64 22.31 12.39
N GLY B 68 12.60 21.72 11.82
CA GLY B 68 12.65 20.33 11.42
C GLY B 68 13.53 20.10 10.20
N ALA B 69 13.65 18.83 9.82
CA ALA B 69 14.44 18.47 8.65
C ALA B 69 13.84 19.04 7.37
N ASN B 70 12.53 19.25 7.34
CA ASN B 70 11.87 19.87 6.21
C ASN B 70 11.93 21.39 6.24
N GLY B 71 12.54 21.97 7.27
CA GLY B 71 12.65 23.40 7.37
C GLY B 71 11.41 24.12 7.83
N LYS B 72 10.51 23.43 8.53
CA LYS B 72 9.26 24.01 9.00
C LYS B 72 9.30 24.23 10.50
N ASP B 73 8.42 25.11 10.98
CA ASP B 73 8.30 25.39 12.41
C ASP B 73 7.76 24.16 13.12
N LYS B 74 8.60 23.54 13.95
CA LYS B 74 8.22 22.36 14.71
C LYS B 74 8.28 22.65 16.21
N LYS B 75 7.37 22.04 16.95
CA LYS B 75 7.34 22.16 18.40
C LYS B 75 7.22 20.77 19.02
N LEU B 76 7.57 20.69 20.30
CA LEU B 76 7.54 19.42 21.01
C LEU B 76 6.10 18.90 21.11
N TYR B 77 5.97 17.58 21.10
CA TYR B 77 4.65 16.95 21.04
C TYR B 77 4.78 15.48 21.42
N GLU B 78 3.82 15.00 22.21
CA GLU B 78 3.73 13.61 22.62
C GLU B 78 5.02 13.11 23.27
N LEU B 79 5.77 12.27 22.55
CA LEU B 79 6.96 11.65 23.10
C LEU B 79 7.94 12.68 23.63
N SER B 80 8.25 13.70 22.82
CA SER B 80 9.17 14.75 23.26
C SER B 80 8.57 15.57 24.39
N ASP B 81 7.25 15.77 24.40
CA ASP B 81 6.60 16.45 25.51
C ASP B 81 6.78 15.67 26.81
N ILE B 82 6.69 14.34 26.73
CA ILE B 82 6.85 13.50 27.91
C ILE B 82 8.28 13.61 28.45
N ILE B 83 9.26 13.48 27.55
CA ILE B 83 10.66 13.54 27.97
C ILE B 83 11.00 14.90 28.55
N PHE B 84 10.46 15.97 27.95
CA PHE B 84 10.78 17.31 28.43
C PHE B 84 10.25 17.55 29.84
N GLN B 85 9.06 17.03 30.14
CA GLN B 85 8.48 17.24 31.47
C GLN B 85 9.23 16.44 32.53
N PHE B 86 9.58 15.19 32.23
CA PHE B 86 10.29 14.38 33.20
C PHE B 86 11.72 14.85 33.38
N PHE B 87 12.30 15.52 32.39
CA PHE B 87 13.57 16.20 32.59
C PHE B 87 13.38 17.46 33.42
N LYS B 88 12.26 18.16 33.20
CA LYS B 88 11.98 19.37 33.98
C LYS B 88 11.77 19.05 35.45
N HIS B 89 11.23 17.88 35.77
CA HIS B 89 11.02 17.46 37.14
C HIS B 89 12.14 16.58 37.66
N ASN B 90 13.30 16.62 37.01
CA ASN B 90 14.54 16.00 37.50
C ASN B 90 14.43 14.49 37.65
N ILE B 91 13.49 13.85 36.94
CA ILE B 91 13.49 12.39 36.90
C ILE B 91 14.46 11.90 35.82
N ILE B 92 14.48 12.57 34.67
CA ILE B 92 15.44 12.27 33.62
C ILE B 92 16.66 13.15 33.82
N LEU B 93 17.82 12.53 34.01
CA LEU B 93 19.07 13.26 34.19
C LEU B 93 19.53 13.86 32.87
N LYS B 94 20.24 14.99 32.97
CA LYS B 94 20.85 15.58 31.77
C LYS B 94 21.94 14.68 31.21
N GLU B 95 22.58 13.87 32.06
CA GLU B 95 23.59 12.95 31.59
C GLU B 95 22.99 11.89 30.67
N ASN B 96 21.73 11.50 30.92
CA ASN B 96 21.06 10.57 30.03
C ASN B 96 20.81 11.19 28.66
N LEU B 97 20.40 12.46 28.64
CA LEU B 97 20.18 13.13 27.36
C LEU B 97 21.50 13.40 26.63
N PHE B 98 22.58 13.65 27.37
CA PHE B 98 23.88 13.79 26.73
C PHE B 98 24.34 12.46 26.12
N GLY B 99 24.08 11.35 26.81
CA GLY B 99 24.46 10.06 26.26
C GLY B 99 23.66 9.68 25.03
N ILE B 100 22.38 10.04 25.01
CA ILE B 100 21.55 9.77 23.84
C ILE B 100 21.96 10.67 22.67
N LYS B 101 22.31 11.93 22.97
CA LYS B 101 22.77 12.84 21.92
C LYS B 101 24.02 12.32 21.26
N ASN B 102 25.05 11.99 22.04
CA ASN B 102 26.29 11.49 21.48
C ASN B 102 26.08 10.16 20.75
N PHE B 103 25.15 9.34 21.23
CA PHE B 103 24.83 8.09 20.55
C PHE B 103 24.24 8.36 19.17
N LEU B 104 23.28 9.29 19.08
CA LEU B 104 22.64 9.56 17.80
C LEU B 104 23.55 10.36 16.87
N GLU B 105 24.47 11.16 17.42
CA GLU B 105 25.38 11.92 16.58
C GLU B 105 26.50 11.04 16.02
N ASN B 106 26.97 10.07 16.80
CA ASN B 106 28.07 9.23 16.37
C ASN B 106 27.60 8.06 15.51
N ASN B 107 26.36 7.62 15.69
CA ASN B 107 25.89 6.43 15.00
C ASN B 107 25.65 6.70 13.52
N GLU B 108 26.03 5.74 12.69
CA GLU B 108 25.78 5.79 11.26
C GLU B 108 24.91 4.64 10.78
N GLU B 109 24.54 3.71 11.65
CA GLU B 109 23.64 2.61 11.31
C GLU B 109 22.21 3.06 11.52
N LEU B 110 21.49 3.29 10.43
CA LEU B 110 20.09 3.71 10.48
C LEU B 110 19.19 2.55 10.08
N ILE B 111 18.01 2.51 10.70
CA ILE B 111 17.07 1.41 10.47
C ILE B 111 16.59 1.41 9.02
N GLU B 112 16.36 2.59 8.45
CA GLU B 112 15.88 2.66 7.07
C GLU B 112 16.89 2.05 6.09
N ASP B 113 18.18 2.17 6.37
CA ASP B 113 19.19 1.60 5.50
C ASP B 113 19.45 0.13 5.79
N LYS B 114 19.10 -0.35 6.98
CA LYS B 114 19.30 -1.75 7.33
C LYS B 114 18.09 -2.63 7.02
N MET B 115 16.91 -2.05 6.85
CA MET B 115 15.72 -2.79 6.46
C MET B 115 15.62 -2.78 4.94
N LYS B 116 15.90 -3.91 4.31
CA LYS B 116 15.88 -4.03 2.86
C LYS B 116 14.63 -4.77 2.42
N ILE B 117 13.91 -4.19 1.47
CA ILE B 117 12.79 -4.88 0.82
C ILE B 117 13.35 -5.83 -0.23
N ASN B 118 12.90 -7.08 -0.18
CA ASN B 118 13.42 -8.12 -1.06
C ASN B 118 12.35 -8.53 -2.07
N ARG B 119 12.79 -8.76 -3.30
CA ARG B 119 11.91 -9.22 -4.38
C ARG B 119 12.51 -10.48 -4.98
N THR B 120 11.73 -11.55 -5.03
CA THR B 120 12.21 -12.81 -5.57
C THR B 120 12.17 -12.79 -7.10
N ASN B 121 12.95 -13.68 -7.69
CA ASN B 121 12.95 -13.82 -9.15
C ASN B 121 11.63 -14.41 -9.63
N PHE B 122 11.22 -14.00 -10.82
CA PHE B 122 9.97 -14.49 -11.39
C PHE B 122 10.06 -15.98 -11.69
N THR B 123 9.12 -16.75 -11.15
CA THR B 123 9.00 -18.17 -11.43
C THR B 123 7.65 -18.45 -12.07
N GLN B 124 7.61 -19.56 -12.81
CA GLN B 124 6.38 -19.94 -13.51
C GLN B 124 5.36 -20.49 -12.53
N LYS B 125 4.15 -19.96 -12.58
CA LYS B 125 3.07 -20.38 -11.70
C LYS B 125 1.79 -20.48 -12.53
N GLN B 126 1.08 -21.59 -12.38
CA GLN B 126 -0.14 -21.84 -13.13
C GLN B 126 -1.31 -21.84 -12.17
N VAL B 127 -2.33 -21.03 -12.46
CA VAL B 127 -3.57 -20.99 -11.71
C VAL B 127 -4.71 -21.13 -12.70
N ALA B 128 -5.60 -22.10 -12.45
CA ALA B 128 -6.73 -22.38 -13.32
C ALA B 128 -6.30 -22.67 -14.76
N GLY B 129 -5.11 -23.25 -14.92
CA GLY B 129 -4.58 -23.54 -16.22
C GLY B 129 -3.98 -22.36 -16.96
N ILE B 130 -3.95 -21.18 -16.35
CA ILE B 130 -3.38 -19.98 -16.95
C ILE B 130 -1.96 -19.80 -16.43
N ASN B 131 -1.03 -19.57 -17.36
CA ASN B 131 0.39 -19.48 -17.02
C ASN B 131 0.71 -18.05 -16.60
N PHE B 132 1.08 -17.88 -15.33
CA PHE B 132 1.51 -16.60 -14.79
C PHE B 132 2.99 -16.66 -14.43
N LEU B 133 3.58 -15.48 -14.23
CA LEU B 133 4.87 -15.35 -13.57
C LEU B 133 4.62 -14.87 -12.15
N GLU B 134 5.22 -15.56 -11.18
CA GLU B 134 5.01 -15.29 -9.77
C GLU B 134 6.28 -14.71 -9.15
N SER B 135 6.10 -13.66 -8.35
CA SER B 135 7.20 -13.08 -7.58
C SER B 135 6.65 -12.66 -6.22
N TYR B 136 7.52 -12.70 -5.22
CA TYR B 136 7.18 -12.29 -3.87
C TYR B 136 7.95 -11.03 -3.49
N VAL B 137 7.24 -10.06 -2.92
CA VAL B 137 7.84 -8.83 -2.40
C VAL B 137 7.77 -8.91 -0.88
N SER B 138 8.94 -8.93 -0.24
CA SER B 138 9.04 -9.11 1.20
C SER B 138 9.37 -7.78 1.87
N TYR B 139 8.51 -7.35 2.80
CA TYR B 139 8.74 -6.13 3.56
C TYR B 139 9.18 -6.51 4.96
N PRO B 140 10.34 -6.05 5.42
CA PRO B 140 10.77 -6.37 6.78
C PRO B 140 9.97 -5.61 7.82
N LEU B 141 9.98 -6.14 9.04
CA LEU B 141 9.41 -5.46 10.19
C LEU B 141 10.27 -5.76 11.40
N LEU B 142 10.37 -4.77 12.29
CA LEU B 142 11.16 -4.90 13.51
C LEU B 142 10.25 -4.86 14.72
N VAL B 143 10.57 -5.68 15.71
CA VAL B 143 9.83 -5.73 16.98
C VAL B 143 10.84 -5.49 18.10
N TYR B 144 10.59 -4.46 18.90
CA TYR B 144 11.39 -4.15 20.07
C TYR B 144 10.52 -4.37 21.31
N GLN B 145 10.95 -5.26 22.19
CA GLN B 145 10.21 -5.61 23.38
C GLN B 145 10.77 -4.86 24.58
N PHE B 146 9.88 -4.27 25.38
CA PHE B 146 10.29 -3.56 26.59
C PHE B 146 10.28 -4.50 27.78
N GLU B 150 2.91 -5.43 29.74
CA GLU B 150 4.08 -5.58 28.91
C GLU B 150 3.94 -4.78 27.61
N PHE B 151 4.95 -3.99 27.30
CA PHE B 151 4.93 -3.07 26.18
C PHE B 151 5.81 -3.59 25.05
N LEU B 152 5.58 -3.07 23.85
CA LEU B 152 6.44 -3.40 22.71
C LEU B 152 6.29 -2.33 21.64
N SER B 153 7.32 -2.21 20.81
CA SER B 153 7.35 -1.27 19.70
C SER B 153 7.53 -2.05 18.39
N GLU B 154 6.78 -1.64 17.37
CA GLU B 154 6.80 -2.31 16.08
C GLU B 154 7.04 -1.30 14.98
N ILE B 155 7.97 -1.62 14.07
CA ILE B 155 8.32 -0.76 12.95
C ILE B 155 8.02 -1.52 11.67
N ILE B 156 7.05 -1.03 10.90
CA ILE B 156 6.65 -1.66 9.65
C ILE B 156 6.89 -0.68 8.51
N ILE B 157 6.76 -1.19 7.29
CA ILE B 157 6.95 -0.38 6.09
C ILE B 157 5.62 -0.19 5.37
N GLY B 165 6.86 5.88 -3.26
CA GLY B 165 7.86 5.50 -2.28
C GLY B 165 7.27 4.83 -1.06
N VAL B 166 8.15 4.34 -0.18
CA VAL B 166 7.73 3.68 1.05
C VAL B 166 8.36 4.41 2.24
N GLN B 167 7.78 4.18 3.41
CA GLN B 167 8.26 4.82 4.63
C GLN B 167 8.09 3.87 5.82
N GLY B 168 8.95 4.06 6.81
CA GLY B 168 8.88 3.27 8.03
C GLY B 168 7.97 3.94 9.04
N MET B 169 7.09 3.14 9.63
CA MET B 169 6.10 3.63 10.58
C MET B 169 6.28 2.91 11.91
N LEU B 170 6.40 3.69 12.98
CA LEU B 170 6.60 3.18 14.33
C LEU B 170 5.28 3.11 15.07
N TYR B 171 5.06 1.99 15.77
CA TYR B 171 3.82 1.77 16.50
C TYR B 171 4.16 1.34 17.93
N PHE B 172 3.67 2.10 18.90
CA PHE B 172 3.83 1.78 20.32
C PHE B 172 2.58 1.04 20.78
N CYS B 173 2.76 -0.21 21.21
CA CYS B 173 1.64 -1.09 21.51
C CYS B 173 1.71 -1.57 22.95
N PHE B 174 0.54 -1.63 23.59
CA PHE B 174 0.43 -2.10 24.96
C PHE B 174 -1.00 -2.53 25.21
N PRO B 175 -1.24 -3.43 26.16
CA PRO B 175 -2.61 -3.88 26.42
C PRO B 175 -3.51 -2.74 26.85
N VAL B 176 -4.78 -2.83 26.43
CA VAL B 176 -5.72 -1.74 26.67
C VAL B 176 -6.17 -1.70 28.13
N HIS B 177 -6.08 -2.81 28.85
CA HIS B 177 -6.51 -2.83 30.25
C HIS B 177 -5.55 -2.10 31.17
N LEU B 178 -4.40 -1.64 30.67
CA LEU B 178 -3.48 -0.85 31.47
C LEU B 178 -3.98 0.58 31.65
N LEU B 179 -4.93 1.03 30.83
CA LEU B 179 -5.38 2.41 30.86
C LEU B 179 -6.38 2.64 31.98
N LYS B 180 -6.25 3.79 32.63
CA LYS B 180 -7.23 4.24 33.61
C LYS B 180 -8.33 5.03 32.89
N ASN B 181 -9.55 4.90 33.42
CA ASN B 181 -10.70 5.56 32.81
C ASN B 181 -10.67 7.05 33.14
N ILE B 182 -11.72 7.77 32.74
CA ILE B 182 -11.80 9.20 33.03
C ILE B 182 -11.83 9.45 34.53
N ASN B 183 -12.47 8.55 35.29
CA ASN B 183 -12.46 8.68 36.74
C ASN B 183 -11.07 8.41 37.30
N GLY B 184 -10.39 7.38 36.82
CA GLY B 184 -9.03 7.10 37.25
C GLY B 184 -8.77 5.69 37.73
N GLU B 185 -9.42 4.70 37.11
CA GLU B 185 -9.25 3.31 37.48
C GLU B 185 -9.33 2.44 36.23
N ARG B 186 -8.52 1.38 36.19
CA ARG B 186 -8.51 0.44 35.08
C ARG B 186 -9.81 -0.37 35.10
N ASN B 187 -10.87 0.23 34.54
CA ASN B 187 -12.18 -0.40 34.48
C ASN B 187 -12.62 -0.69 33.04
N PHE B 188 -11.65 -0.98 32.16
CA PHE B 188 -11.94 -1.29 30.77
C PHE B 188 -12.15 -2.77 30.52
N LEU B 189 -11.55 -3.63 31.35
CA LEU B 189 -11.66 -5.07 31.17
C LEU B 189 -12.95 -5.61 31.79
N LYS B 198 -12.47 7.58 27.02
CA LYS B 198 -11.06 7.94 26.94
C LYS B 198 -10.23 7.15 27.94
N GLY B 199 -9.05 6.73 27.51
CA GLY B 199 -8.11 6.04 28.39
C GLY B 199 -6.97 6.94 28.82
N TYR B 200 -6.32 6.60 29.92
CA TYR B 200 -5.23 7.42 30.46
C TYR B 200 -4.05 6.52 30.82
N LEU B 201 -2.93 6.73 30.12
CA LEU B 201 -1.73 5.94 30.33
C LEU B 201 -0.86 6.60 31.39
N GLU B 202 -0.63 5.89 32.49
CA GLU B 202 0.14 6.43 33.60
C GLU B 202 1.63 6.36 33.28
N ILE B 203 2.30 7.51 33.31
CA ILE B 203 3.74 7.60 33.10
C ILE B 203 4.36 8.12 34.38
N SER B 204 5.38 7.43 34.88
CA SER B 204 6.05 7.82 36.11
C SER B 204 7.53 7.42 36.01
N ARG B 205 8.23 7.53 37.14
CA ARG B 205 9.63 7.12 37.20
C ARG B 205 9.80 5.62 36.98
N ASN B 206 8.74 4.83 37.17
CA ASN B 206 8.84 3.38 37.03
C ASN B 206 8.74 2.90 35.60
N ASN B 207 8.35 3.76 34.66
CA ASN B 207 8.26 3.36 33.27
C ASN B 207 8.72 4.44 32.30
N ILE B 208 9.36 5.51 32.80
CA ILE B 208 9.81 6.57 31.89
C ILE B 208 10.88 6.06 30.94
N ASN B 209 11.64 5.04 31.34
CA ASN B 209 12.69 4.51 30.50
C ASN B 209 12.15 3.93 29.20
N ILE B 210 10.89 3.51 29.17
CA ILE B 210 10.28 3.04 27.93
C ILE B 210 10.28 4.15 26.89
N PHE B 211 10.01 5.39 27.32
CA PHE B 211 9.93 6.49 26.38
C PHE B 211 11.31 7.04 26.04
N LEU B 212 12.28 6.90 26.94
CA LEU B 212 13.66 7.23 26.60
C LEU B 212 14.22 6.25 25.57
N GLU B 213 13.94 4.96 25.73
CA GLU B 213 14.36 3.98 24.73
C GLU B 213 13.64 4.21 23.40
N MET B 214 12.36 4.60 23.47
CA MET B 214 11.61 4.86 22.24
C MET B 214 12.13 6.08 21.52
N LEU B 215 12.58 7.10 22.25
CA LEU B 215 13.20 8.25 21.60
C LEU B 215 14.52 7.87 20.95
N LYS B 216 15.28 6.98 21.58
CA LYS B 216 16.53 6.51 20.99
C LYS B 216 16.27 5.71 19.73
N ILE B 217 15.19 4.92 19.72
CA ILE B 217 14.85 4.15 18.52
C ILE B 217 14.43 5.09 17.39
N PHE B 218 13.63 6.12 17.70
CA PHE B 218 13.28 7.12 16.70
C PHE B 218 14.53 7.77 16.11
N GLY B 219 15.54 8.02 16.95
CA GLY B 219 16.76 8.67 16.52
C GLY B 219 17.59 7.86 15.55
N ILE B 220 17.29 6.58 15.37
CA ILE B 220 18.00 5.73 14.41
C ILE B 220 17.07 5.21 13.33
N LEU B 221 15.83 5.70 13.27
CA LEU B 221 14.88 5.20 12.27
C LEU B 221 15.25 5.68 10.87
N SER B 222 15.58 6.97 10.74
CA SER B 222 15.94 7.54 9.46
C SER B 222 16.74 8.81 9.70
N ASN B 223 17.26 9.39 8.60
CA ASN B 223 18.03 10.62 8.70
C ASN B 223 17.15 11.79 9.12
N ASN B 224 15.92 11.85 8.60
CA ASN B 224 15.00 12.92 9.01
C ASN B 224 14.68 12.83 10.48
N HIS B 225 14.43 11.62 10.98
CA HIS B 225 14.13 11.45 12.40
C HIS B 225 15.36 11.71 13.26
N ARG B 226 16.53 11.26 12.81
CA ARG B 226 17.75 11.52 13.56
C ARG B 226 18.01 13.02 13.69
N TYR B 227 17.74 13.79 12.63
CA TYR B 227 17.92 15.22 12.70
C TYR B 227 16.92 15.87 13.63
N ASN B 228 15.64 15.47 13.54
CA ASN B 228 14.62 16.08 14.38
C ASN B 228 14.82 15.74 15.86
N VAL B 229 15.16 14.49 16.16
CA VAL B 229 15.35 14.10 17.56
C VAL B 229 16.55 14.82 18.16
N LEU B 230 17.61 15.01 17.37
CA LEU B 230 18.77 15.77 17.86
C LEU B 230 18.39 17.22 18.14
N GLN B 231 17.51 17.81 17.32
CA GLN B 231 17.05 19.16 17.59
C GLN B 231 16.21 19.22 18.85
N ILE B 232 15.43 18.16 19.12
CA ILE B 232 14.60 18.12 20.31
C ILE B 232 15.46 17.99 21.56
N ILE B 233 16.45 17.08 21.53
CA ILE B 233 17.33 16.90 22.67
C ILE B 233 18.12 18.17 22.94
N GLU B 234 18.53 18.86 21.89
CA GLU B 234 19.24 20.13 22.07
C GLU B 234 18.34 21.17 22.71
N PHE B 235 17.06 21.20 22.32
CA PHE B 235 16.13 22.16 22.91
C PHE B 235 15.86 21.85 24.37
N ILE B 236 15.73 20.57 24.71
CA ILE B 236 15.44 20.19 26.10
C ILE B 236 16.65 20.46 26.98
N LEU B 237 17.85 20.16 26.49
CA LEU B 237 19.05 20.39 27.29
C LEU B 237 19.31 21.88 27.50
N ASN B 238 19.08 22.69 26.46
CA ASN B 238 19.31 24.12 26.61
C ASN B 238 18.24 24.78 27.47
N SER B 239 17.02 24.26 27.44
CA SER B 239 15.92 24.82 28.24
C SER B 239 15.93 24.22 29.64
#